data_6PMA
#
_entry.id   6PMA
#
_cell.length_a   52.094
_cell.length_b   52.094
_cell.length_c   227.160
_cell.angle_alpha   90.000
_cell.angle_beta   90.000
_cell.angle_gamma   120.000
#
_symmetry.space_group_name_H-M   'P 31 1 2'
#
loop_
_entity.id
_entity.type
_entity.pdbx_description
1 polymer 'High affinity nerve growth factor receptor'
2 non-polymer N-[2-chloro-5-(trifluoromethyl)phenyl]-2-[1-(4-methoxyphenyl)-4-oxo-1,4-dihydro-5H-pyrazolo[3,4-d]pyrimidin-5-yl]acetamide
3 water water
#
_entity_poly.entity_id   1
_entity_poly.type   'polypeptide(L)'
_entity_poly.pdbx_seq_one_letter_code
;GLQGHIIENPQYFSDACVHHIKRRDIVLKWELGEGAFGKVFLAECHNLLPEQDKMLVAVKALKEASESARQDFQREAELL
TMLQHQHIVRFFGVCTEGRPLLMVFEYMRHGDLNRFLRSHGPDAKLLAGGEDVAPGPLGLGQLLAVASQVAAGMVYLAGL
HFVHRDLATRNCLVGQGLVVKIGDFGMSRDIY(SEP)TDYYRVGGRTMLPIRWMPPESILYRKFTTESDVWSFGVVLWEI
FTYGKQPWYQLSNTEAIDCITQGRELERPRACPPEVYAIMRGCWQREPQQRHSIKDVHARLQALAQAPPVYLDVL
;
_entity_poly.pdbx_strand_id   A
#
# COMPACT_ATOMS: atom_id res chain seq x y z
N ALA A 16 -21.72 -13.10 7.22
CA ALA A 16 -21.69 -12.29 5.96
C ALA A 16 -22.51 -11.00 6.14
N CYS A 17 -22.06 -10.08 7.03
CA CYS A 17 -22.67 -8.76 7.36
C CYS A 17 -22.11 -7.67 6.43
N VAL A 18 -22.09 -7.97 5.13
CA VAL A 18 -21.54 -7.14 4.02
C VAL A 18 -22.63 -6.18 3.53
N HIS A 19 -22.37 -4.86 3.40
CA HIS A 19 -23.35 -3.90 2.81
C HIS A 19 -23.62 -4.32 1.36
N HIS A 20 -24.88 -4.26 0.92
CA HIS A 20 -25.27 -4.51 -0.48
C HIS A 20 -25.73 -3.20 -1.09
N ILE A 21 -25.43 -3.03 -2.37
CA ILE A 21 -25.79 -1.86 -3.20
C ILE A 21 -26.53 -2.40 -4.42
N LYS A 22 -27.67 -1.80 -4.76
CA LYS A 22 -28.54 -2.18 -5.93
C LYS A 22 -27.76 -1.87 -7.23
N ARG A 23 -27.76 -2.76 -8.21
CA ARG A 23 -27.11 -2.48 -9.51
C ARG A 23 -27.51 -1.10 -10.03
N ARG A 24 -28.76 -0.70 -9.86
CA ARG A 24 -29.39 0.48 -10.52
C ARG A 24 -28.73 1.75 -9.97
N ASP A 25 -28.10 1.67 -8.79
CA ASP A 25 -27.42 2.78 -8.08
C ASP A 25 -25.95 2.90 -8.52
N ILE A 26 -25.50 2.07 -9.47
CA ILE A 26 -24.08 2.08 -9.95
C ILE A 26 -24.05 2.27 -11.46
N VAL A 27 -23.44 3.37 -11.86
CA VAL A 27 -23.24 3.69 -13.30
C VAL A 27 -21.75 3.67 -13.56
N LEU A 28 -21.29 2.63 -14.24
CA LEU A 28 -19.92 2.52 -14.75
C LEU A 28 -19.66 3.68 -15.71
N LYS A 29 -18.50 4.32 -15.63
CA LYS A 29 -18.13 5.46 -16.49
C LYS A 29 -17.03 5.03 -17.47
N TRP A 30 -15.96 4.43 -16.99
CA TRP A 30 -14.89 3.91 -17.86
C TRP A 30 -13.96 3.08 -17.00
N GLU A 31 -13.05 2.36 -17.62
CA GLU A 31 -12.08 1.47 -16.96
C GLU A 31 -10.91 2.32 -16.44
N LEU A 32 -10.26 1.86 -15.38
CA LEU A 32 -9.03 2.48 -14.78
C LEU A 32 -7.88 1.47 -14.77
N GLY A 33 -8.18 0.18 -14.78
CA GLY A 33 -7.19 -0.87 -14.48
C GLY A 33 -7.77 -2.25 -14.74
N GLU A 34 -6.89 -3.16 -15.15
CA GLU A 34 -7.17 -4.56 -15.50
C GLU A 34 -6.12 -5.39 -14.75
N GLY A 35 -6.57 -6.42 -14.01
CA GLY A 35 -5.77 -7.59 -13.60
C GLY A 35 -6.11 -8.82 -14.44
N ALA A 36 -6.00 -10.02 -13.86
CA ALA A 36 -6.32 -11.32 -14.49
C ALA A 36 -7.40 -12.03 -13.68
N PHE A 37 -7.87 -11.41 -12.59
CA PHE A 37 -8.98 -11.91 -11.72
C PHE A 37 -10.05 -10.79 -11.54
N GLY A 38 -9.82 -9.60 -12.14
CA GLY A 38 -10.65 -8.41 -11.88
C GLY A 38 -10.33 -7.25 -12.81
N LYS A 39 -11.34 -6.46 -13.17
CA LYS A 39 -11.28 -5.14 -13.87
C LYS A 39 -11.77 -4.07 -12.88
N VAL A 40 -11.21 -2.87 -12.94
CA VAL A 40 -11.62 -1.70 -12.13
C VAL A 40 -12.17 -0.57 -13.01
N PHE A 41 -13.23 0.09 -12.53
CA PHE A 41 -13.97 1.12 -13.28
C PHE A 41 -14.21 2.28 -12.35
N LEU A 42 -14.15 3.48 -12.93
CA LEU A 42 -14.78 4.65 -12.31
C LEU A 42 -16.25 4.47 -12.53
N ALA A 43 -17.05 4.82 -11.53
CA ALA A 43 -18.51 4.72 -11.57
C ALA A 43 -19.10 5.85 -10.73
N GLU A 44 -20.29 6.34 -11.08
CA GLU A 44 -21.12 7.17 -10.18
C GLU A 44 -21.92 6.21 -9.31
N CYS A 45 -22.01 6.46 -8.01
CA CYS A 45 -22.85 5.66 -7.10
C CYS A 45 -23.82 6.54 -6.32
N HIS A 46 -25.11 6.21 -6.41
CA HIS A 46 -26.28 6.97 -5.89
C HIS A 46 -26.75 6.42 -4.54
N ASN A 47 -27.14 7.32 -3.62
CA ASN A 47 -27.75 6.99 -2.30
C ASN A 47 -26.72 6.25 -1.43
N LEU A 48 -25.43 6.51 -1.63
CA LEU A 48 -24.45 5.72 -0.88
C LEU A 48 -24.17 6.50 0.37
N LEU A 49 -24.11 7.82 0.21
CA LEU A 49 -24.00 8.71 1.38
C LEU A 49 -25.10 9.78 1.29
N PRO A 50 -25.71 10.08 2.46
CA PRO A 50 -26.66 11.18 2.59
C PRO A 50 -26.01 12.56 2.32
N GLU A 51 -24.79 12.76 2.81
CA GLU A 51 -23.93 13.96 2.56
C GLU A 51 -23.94 14.32 1.07
N GLN A 52 -23.90 13.30 0.20
CA GLN A 52 -23.83 13.40 -1.28
C GLN A 52 -24.81 12.38 -1.89
N ASP A 53 -25.86 12.87 -2.55
CA ASP A 53 -26.93 12.06 -3.21
C ASP A 53 -26.28 11.19 -4.28
N LYS A 54 -25.25 11.73 -4.93
CA LYS A 54 -24.41 11.10 -5.96
C LYS A 54 -22.93 11.27 -5.55
N MET A 55 -22.01 10.40 -5.99
CA MET A 55 -20.57 10.46 -5.66
C MET A 55 -19.78 9.43 -6.48
N LEU A 56 -18.47 9.64 -6.64
CA LEU A 56 -17.64 8.82 -7.53
C LEU A 56 -16.96 7.74 -6.70
N VAL A 57 -16.90 6.53 -7.25
CA VAL A 57 -16.28 5.34 -6.62
C VAL A 57 -15.49 4.60 -7.69
N ALA A 58 -14.65 3.69 -7.23
CA ALA A 58 -14.01 2.66 -8.04
C ALA A 58 -14.73 1.37 -7.75
N VAL A 59 -14.99 0.62 -8.80
CA VAL A 59 -15.74 -0.63 -8.78
C VAL A 59 -14.82 -1.67 -9.40
N LYS A 60 -14.57 -2.74 -8.65
CA LYS A 60 -13.89 -3.97 -9.13
C LYS A 60 -14.91 -5.05 -9.55
N ALA A 61 -14.82 -5.45 -10.80
CA ALA A 61 -15.68 -6.49 -11.37
C ALA A 61 -14.91 -7.80 -11.33
N LEU A 62 -15.55 -8.85 -10.85
CA LEU A 62 -14.89 -10.16 -10.80
C LEU A 62 -14.77 -10.71 -12.23
N LYS A 63 -13.62 -11.27 -12.62
CA LYS A 63 -13.51 -11.98 -13.93
C LYS A 63 -14.20 -13.37 -13.85
N GLU A 64 -13.56 -14.46 -13.41
CA GLU A 64 -14.19 -15.82 -13.48
C GLU A 64 -15.36 -15.90 -12.48
N SER A 68 -15.33 -21.31 -6.52
CA SER A 68 -13.95 -20.88 -6.18
C SER A 68 -13.90 -19.34 -6.19
N ALA A 69 -13.92 -18.73 -7.39
CA ALA A 69 -13.96 -17.26 -7.62
C ALA A 69 -15.01 -16.56 -6.73
N ARG A 70 -16.28 -16.97 -6.72
CA ARG A 70 -17.34 -16.38 -5.87
C ARG A 70 -16.94 -16.47 -4.38
N GLN A 71 -16.41 -17.63 -3.95
CA GLN A 71 -15.98 -17.89 -2.54
C GLN A 71 -14.92 -16.85 -2.18
N ASP A 72 -13.93 -16.67 -3.04
CA ASP A 72 -12.78 -15.74 -2.83
C ASP A 72 -13.30 -14.31 -2.65
N PHE A 73 -14.24 -13.95 -3.51
CA PHE A 73 -15.04 -12.70 -3.50
C PHE A 73 -15.78 -12.58 -2.17
N GLN A 74 -16.48 -13.63 -1.73
CA GLN A 74 -17.21 -13.59 -0.43
C GLN A 74 -16.15 -13.39 0.67
N ARG A 75 -15.03 -14.14 0.66
CA ARG A 75 -13.98 -13.99 1.70
C ARG A 75 -13.40 -12.56 1.66
N GLU A 76 -13.02 -12.07 0.48
CA GLU A 76 -12.50 -10.69 0.35
C GLU A 76 -13.48 -9.66 0.94
N ALA A 77 -14.75 -9.71 0.57
CA ALA A 77 -15.79 -8.77 1.05
C ALA A 77 -15.99 -8.87 2.57
N GLU A 78 -16.08 -10.08 3.13
CA GLU A 78 -16.22 -10.30 4.61
C GLU A 78 -15.02 -9.62 5.31
N LEU A 79 -13.81 -9.96 4.88
CA LEU A 79 -12.55 -9.34 5.37
C LEU A 79 -12.60 -7.81 5.28
N LEU A 80 -12.98 -7.25 4.12
CA LEU A 80 -12.90 -5.78 3.94
C LEU A 80 -14.01 -5.08 4.70
N THR A 81 -15.08 -5.81 5.06
CA THR A 81 -16.15 -5.26 5.92
C THR A 81 -15.61 -5.19 7.36
N MET A 82 -14.82 -6.17 7.77
CA MET A 82 -14.07 -6.20 9.07
C MET A 82 -13.07 -5.02 9.14
N LEU A 83 -12.18 -4.86 8.16
CA LEU A 83 -11.07 -3.87 8.22
C LEU A 83 -11.59 -2.50 7.87
N GLN A 84 -11.87 -1.66 8.85
CA GLN A 84 -12.24 -0.24 8.59
C GLN A 84 -11.33 0.63 9.46
N HIS A 85 -10.89 1.79 8.95
CA HIS A 85 -9.83 2.60 9.59
C HIS A 85 -9.49 3.81 8.70
N GLN A 86 -9.12 4.96 9.27
CA GLN A 86 -8.65 6.15 8.49
C GLN A 86 -7.70 5.74 7.34
N HIS A 87 -6.85 4.73 7.49
CA HIS A 87 -5.67 4.48 6.59
C HIS A 87 -5.65 3.07 5.99
N ILE A 88 -6.84 2.46 5.93
CA ILE A 88 -7.15 1.24 5.13
C ILE A 88 -8.15 1.66 4.04
N VAL A 89 -7.98 1.13 2.84
CA VAL A 89 -8.82 1.51 1.67
C VAL A 89 -10.28 1.26 2.04
N ARG A 90 -11.13 2.26 1.81
CA ARG A 90 -12.54 2.25 2.27
C ARG A 90 -13.37 1.40 1.32
N PHE A 91 -14.04 0.39 1.89
CA PHE A 91 -14.92 -0.57 1.20
C PHE A 91 -16.35 -0.12 1.50
N PHE A 92 -17.19 0.00 0.48
CA PHE A 92 -18.60 0.44 0.65
C PHE A 92 -19.52 -0.77 0.64
N GLY A 93 -19.17 -1.81 -0.13
CA GLY A 93 -19.92 -3.09 -0.19
C GLY A 93 -19.95 -3.74 -1.57
N VAL A 94 -20.86 -4.66 -1.79
CA VAL A 94 -20.91 -5.49 -3.03
C VAL A 94 -22.22 -5.22 -3.75
N CYS A 95 -22.22 -5.52 -5.04
CA CYS A 95 -23.45 -5.69 -5.84
C CYS A 95 -23.52 -7.14 -6.37
N THR A 96 -24.32 -8.00 -5.73
CA THR A 96 -24.46 -9.46 -6.02
C THR A 96 -25.64 -9.72 -6.95
N GLU A 97 -26.28 -8.66 -7.46
CA GLU A 97 -27.51 -8.75 -8.29
C GLU A 97 -27.06 -8.73 -9.76
N GLY A 98 -26.81 -9.94 -10.28
CA GLY A 98 -26.37 -10.26 -11.66
C GLY A 98 -24.86 -10.20 -11.78
N ARG A 99 -24.21 -11.15 -12.47
CA ARG A 99 -22.82 -10.98 -12.94
C ARG A 99 -22.82 -9.73 -13.82
N PRO A 100 -21.75 -8.90 -13.81
CA PRO A 100 -20.56 -9.17 -13.01
C PRO A 100 -20.81 -8.81 -11.55
N LEU A 101 -20.48 -9.68 -10.59
CA LEU A 101 -20.34 -9.31 -9.16
C LEU A 101 -19.36 -8.12 -9.02
N LEU A 102 -19.71 -7.12 -8.19
CA LEU A 102 -18.91 -5.87 -8.01
C LEU A 102 -18.57 -5.64 -6.53
N MET A 103 -17.35 -5.24 -6.28
CA MET A 103 -16.96 -4.64 -4.97
C MET A 103 -16.78 -3.15 -5.22
N VAL A 104 -17.30 -2.32 -4.33
CA VAL A 104 -17.31 -0.84 -4.51
C VAL A 104 -16.41 -0.21 -3.46
N PHE A 105 -15.47 0.61 -3.94
CA PHE A 105 -14.40 1.23 -3.12
C PHE A 105 -14.38 2.74 -3.28
N GLU A 106 -13.86 3.41 -2.26
CA GLU A 106 -13.54 4.86 -2.36
C GLU A 106 -12.61 5.09 -3.58
N TYR A 107 -12.83 6.19 -4.25
CA TYR A 107 -12.03 6.64 -5.40
C TYR A 107 -10.87 7.50 -4.89
N MET A 108 -9.64 7.11 -5.20
CA MET A 108 -8.43 7.73 -4.64
C MET A 108 -7.75 8.50 -5.76
N ARG A 109 -7.95 9.81 -5.78
CA ARG A 109 -7.72 10.70 -6.96
C ARG A 109 -6.28 10.56 -7.46
N HIS A 110 -5.27 10.35 -6.62
CA HIS A 110 -3.85 10.33 -7.05
C HIS A 110 -3.37 8.92 -7.37
N GLY A 111 -4.25 7.92 -7.27
CA GLY A 111 -3.94 6.51 -7.52
C GLY A 111 -2.89 5.99 -6.57
N ASP A 112 -2.03 5.12 -7.07
CA ASP A 112 -1.16 4.26 -6.24
C ASP A 112 0.08 5.07 -5.84
N LEU A 113 0.56 4.81 -4.63
CA LEU A 113 1.57 5.69 -4.01
C LEU A 113 2.85 5.54 -4.80
N ASN A 114 3.11 4.38 -5.40
CA ASN A 114 4.32 4.29 -6.23
C ASN A 114 4.29 5.32 -7.37
N ARG A 115 3.20 5.41 -8.14
CA ARG A 115 3.09 6.33 -9.30
C ARG A 115 3.19 7.76 -8.77
N PHE A 116 2.53 7.98 -7.65
CA PHE A 116 2.48 9.30 -7.01
C PHE A 116 3.91 9.73 -6.61
N LEU A 117 4.69 8.82 -6.04
CA LEU A 117 6.10 9.11 -5.65
C LEU A 117 6.91 9.43 -6.90
N ARG A 118 6.83 8.57 -7.90
CA ARG A 118 7.67 8.66 -9.11
C ARG A 118 7.40 10.00 -9.79
N SER A 119 6.19 10.52 -9.67
CA SER A 119 5.71 11.67 -10.48
C SER A 119 5.95 12.94 -9.67
N HIS A 120 6.46 12.82 -8.44
CA HIS A 120 6.86 13.97 -7.57
C HIS A 120 8.31 13.79 -7.14
N GLY A 121 9.12 13.13 -7.97
CA GLY A 121 10.53 12.79 -7.68
C GLY A 121 11.47 13.48 -8.67
N PRO A 122 12.77 13.69 -8.33
CA PRO A 122 13.68 14.40 -9.24
C PRO A 122 13.67 13.94 -10.73
N ASP A 123 13.35 12.67 -11.02
CA ASP A 123 13.37 12.07 -12.39
C ASP A 123 11.97 12.07 -13.03
N ALA A 124 11.07 13.02 -12.69
CA ALA A 124 9.66 13.09 -13.15
C ALA A 124 9.58 13.65 -14.58
N ALA A 128 4.06 18.69 -12.37
CA ALA A 128 4.46 19.90 -11.60
C ALA A 128 3.59 20.01 -10.32
N GLY A 129 3.49 21.23 -9.75
CA GLY A 129 2.69 21.58 -8.55
C GLY A 129 1.21 21.83 -8.84
N GLY A 130 0.33 20.97 -8.34
CA GLY A 130 -1.13 21.09 -8.44
C GLY A 130 -1.80 21.51 -7.14
N GLU A 131 -2.95 20.91 -6.87
CA GLU A 131 -3.93 21.29 -5.83
C GLU A 131 -3.44 20.84 -4.44
N ASP A 132 -2.95 19.61 -4.29
CA ASP A 132 -2.59 18.96 -3.01
C ASP A 132 -1.08 19.08 -2.73
N VAL A 133 -0.26 19.51 -3.69
CA VAL A 133 1.21 19.32 -3.64
C VAL A 133 1.92 20.42 -4.43
N ALA A 134 3.04 20.88 -3.87
CA ALA A 134 3.97 21.85 -4.46
C ALA A 134 4.59 21.24 -5.70
N PRO A 135 5.26 22.06 -6.55
CA PRO A 135 5.97 21.53 -7.70
C PRO A 135 7.26 20.94 -7.12
N GLY A 136 7.91 20.06 -7.86
CA GLY A 136 9.23 19.52 -7.50
C GLY A 136 9.15 18.44 -6.43
N PRO A 137 10.32 17.93 -6.01
CA PRO A 137 10.38 16.87 -5.03
C PRO A 137 9.46 17.21 -3.87
N LEU A 138 8.76 16.23 -3.37
CA LEU A 138 8.05 16.34 -2.09
C LEU A 138 9.03 16.69 -0.99
N GLY A 139 8.61 17.50 -0.05
CA GLY A 139 9.43 17.91 1.10
C GLY A 139 9.51 16.79 2.11
N LEU A 140 10.52 16.88 2.95
CA LEU A 140 10.79 15.90 4.01
C LEU A 140 9.50 15.68 4.81
N GLY A 141 8.80 16.78 5.09
CA GLY A 141 7.58 16.80 5.93
C GLY A 141 6.47 16.11 5.18
N GLN A 142 6.45 16.27 3.87
CA GLN A 142 5.46 15.60 3.00
C GLN A 142 5.77 14.09 3.07
N LEU A 143 7.04 13.70 3.01
CA LEU A 143 7.37 12.26 2.98
C LEU A 143 7.17 11.67 4.38
N LEU A 144 7.30 12.42 5.46
CA LEU A 144 7.05 11.78 6.79
C LEU A 144 5.56 11.53 7.00
N ALA A 145 4.74 12.42 6.46
CA ALA A 145 3.26 12.44 6.53
C ALA A 145 2.75 11.17 5.85
N VAL A 146 3.28 10.89 4.67
CA VAL A 146 2.96 9.67 3.90
C VAL A 146 3.37 8.43 4.71
N ALA A 147 4.65 8.33 5.10
CA ALA A 147 5.19 7.23 5.94
C ALA A 147 4.35 7.07 7.22
N SER A 148 4.05 8.15 7.91
CA SER A 148 3.21 8.10 9.12
C SER A 148 1.88 7.41 8.78
N GLN A 149 1.22 7.84 7.72
CA GLN A 149 -0.15 7.31 7.47
C GLN A 149 -0.08 5.79 7.23
N VAL A 150 0.91 5.33 6.48
CA VAL A 150 1.06 3.89 6.11
C VAL A 150 1.36 3.12 7.39
N ALA A 151 2.23 3.65 8.24
CA ALA A 151 2.49 3.04 9.56
C ALA A 151 1.18 3.01 10.37
N ALA A 152 0.37 4.06 10.33
CA ALA A 152 -0.89 4.11 11.11
C ALA A 152 -1.74 2.95 10.64
N GLY A 153 -1.78 2.73 9.34
CA GLY A 153 -2.52 1.61 8.74
C GLY A 153 -2.03 0.26 9.27
N MET A 154 -0.72 0.08 9.36
CA MET A 154 -0.09 -1.22 9.74
C MET A 154 -0.36 -1.54 11.23
N VAL A 155 -0.31 -0.52 12.09
CA VAL A 155 -0.72 -0.63 13.52
C VAL A 155 -2.10 -1.27 13.51
N TYR A 156 -3.03 -0.73 12.74
CA TYR A 156 -4.42 -1.22 12.85
C TYR A 156 -4.50 -2.67 12.40
N LEU A 157 -3.65 -3.11 11.47
CA LEU A 157 -3.65 -4.52 11.00
C LEU A 157 -2.98 -5.42 12.06
N ALA A 158 -1.87 -5.00 12.62
CA ALA A 158 -1.14 -5.78 13.66
C ALA A 158 -2.01 -5.85 14.91
N GLY A 159 -2.55 -4.72 15.38
CA GLY A 159 -3.79 -4.68 16.19
C GLY A 159 -4.62 -5.96 16.04
N LEU A 160 -5.18 -6.21 14.84
CA LEU A 160 -6.05 -7.38 14.53
C LEU A 160 -5.22 -8.64 14.24
N HIS A 161 -3.91 -8.63 14.47
CA HIS A 161 -3.04 -9.80 14.22
C HIS A 161 -3.26 -10.30 12.77
N PHE A 162 -3.45 -9.36 11.86
CA PHE A 162 -3.64 -9.63 10.42
C PHE A 162 -2.29 -9.44 9.72
N VAL A 163 -1.80 -10.48 9.05
CA VAL A 163 -0.51 -10.40 8.29
C VAL A 163 -0.82 -9.98 6.86
N HIS A 164 -0.21 -8.90 6.39
CA HIS A 164 -0.47 -8.35 5.04
C HIS A 164 0.21 -9.22 3.98
N ARG A 165 1.50 -9.53 4.11
CA ARG A 165 2.31 -10.38 3.16
C ARG A 165 2.76 -9.64 1.88
N ASP A 166 2.20 -8.50 1.44
CA ASP A 166 2.61 -7.74 0.23
C ASP A 166 2.52 -6.22 0.48
N LEU A 167 3.06 -5.76 1.60
CA LEU A 167 3.11 -4.30 1.82
C LEU A 167 4.20 -3.70 0.91
N ALA A 168 3.82 -2.73 0.10
CA ALA A 168 4.65 -2.00 -0.88
C ALA A 168 3.83 -0.78 -1.37
N THR A 169 4.49 0.27 -1.85
CA THR A 169 3.83 1.52 -2.28
C THR A 169 2.81 1.18 -3.40
N ARG A 170 3.07 0.19 -4.23
CA ARG A 170 2.09 -0.15 -5.27
C ARG A 170 0.77 -0.57 -4.62
N ASN A 171 0.77 -0.98 -3.36
CA ASN A 171 -0.48 -1.44 -2.73
C ASN A 171 -1.02 -0.37 -1.80
N CYS A 172 -0.59 0.89 -1.91
CA CYS A 172 -1.31 1.98 -1.20
C CYS A 172 -1.86 2.96 -2.23
N LEU A 173 -2.90 3.68 -1.85
CA LEU A 173 -3.54 4.67 -2.72
C LEU A 173 -3.50 6.02 -2.02
N VAL A 174 -3.47 7.08 -2.83
CA VAL A 174 -3.41 8.46 -2.31
C VAL A 174 -4.64 9.21 -2.81
N GLY A 175 -5.40 9.73 -1.87
CA GLY A 175 -6.64 10.48 -2.10
C GLY A 175 -6.39 11.97 -2.05
N GLN A 176 -7.43 12.74 -2.31
CA GLN A 176 -7.44 14.19 -2.15
C GLN A 176 -6.91 14.56 -0.76
N GLY A 177 -6.03 15.54 -0.68
CA GLY A 177 -5.40 16.00 0.57
C GLY A 177 -4.20 15.14 0.95
N LEU A 178 -3.62 14.42 0.00
CA LEU A 178 -2.65 13.33 0.27
C LEU A 178 -3.07 12.45 1.43
N VAL A 179 -4.31 12.02 1.48
CA VAL A 179 -4.68 10.91 2.40
C VAL A 179 -4.17 9.61 1.76
N VAL A 180 -3.40 8.84 2.51
CA VAL A 180 -2.79 7.58 2.01
C VAL A 180 -3.44 6.42 2.73
N LYS A 181 -3.88 5.41 1.98
CA LYS A 181 -4.50 4.21 2.55
C LYS A 181 -3.90 2.94 1.96
N ILE A 182 -3.88 1.90 2.78
CA ILE A 182 -3.34 0.56 2.44
C ILE A 182 -4.44 -0.33 1.86
N GLY A 183 -4.09 -1.04 0.79
CA GLY A 183 -4.89 -2.09 0.15
C GLY A 183 -3.98 -3.27 -0.15
N ASP A 184 -4.50 -4.26 -0.86
CA ASP A 184 -3.73 -5.38 -1.46
C ASP A 184 -4.42 -5.71 -2.78
N PHE A 185 -3.88 -5.29 -3.93
CA PHE A 185 -4.57 -5.34 -5.26
C PHE A 185 -4.01 -6.49 -6.10
N GLY A 186 -4.85 -7.41 -6.58
CA GLY A 186 -4.45 -8.43 -7.58
C GLY A 186 -3.82 -7.81 -8.82
N MET A 187 -4.35 -6.69 -9.31
CA MET A 187 -3.85 -5.96 -10.52
C MET A 187 -2.38 -5.55 -10.37
N SER A 188 -1.84 -5.52 -9.15
CA SER A 188 -0.42 -5.24 -8.79
C SER A 188 0.50 -6.28 -9.42
N ARG A 189 0.09 -7.54 -9.47
CA ARG A 189 0.86 -8.68 -10.05
C ARG A 189 0.99 -8.53 -11.57
N ASP A 190 0.07 -7.80 -12.20
CA ASP A 190 0.10 -7.49 -13.65
C ASP A 190 0.84 -6.18 -13.87
N ILE A 191 0.32 -5.10 -13.29
CA ILE A 191 0.82 -3.73 -13.57
C ILE A 191 2.31 -3.68 -13.18
N TYR A 192 2.65 -4.35 -12.08
CA TYR A 192 3.99 -4.34 -11.42
C TYR A 192 4.50 -5.79 -11.28
N THR A 194 7.20 -6.95 -12.41
CA THR A 194 8.63 -6.94 -12.22
C THR A 194 8.97 -6.88 -10.72
N ASP A 195 8.01 -6.48 -9.88
CA ASP A 195 8.20 -6.48 -8.42
C ASP A 195 7.93 -7.85 -7.83
N TYR A 196 7.61 -8.85 -8.66
CA TYR A 196 7.37 -10.22 -8.15
C TYR A 196 8.33 -11.21 -8.80
N TYR A 197 8.84 -12.17 -8.03
CA TYR A 197 9.52 -13.38 -8.53
C TYR A 197 8.47 -14.48 -8.76
N ARG A 198 8.25 -14.93 -9.99
CA ARG A 198 7.26 -15.98 -10.30
C ARG A 198 7.95 -17.32 -10.11
N VAL A 199 7.62 -18.00 -9.03
CA VAL A 199 8.09 -19.35 -8.63
C VAL A 199 7.15 -20.42 -9.20
N GLY A 200 7.72 -21.56 -9.57
CA GLY A 200 6.97 -22.69 -10.15
C GLY A 200 6.23 -22.25 -11.41
N GLY A 201 5.12 -21.53 -11.24
CA GLY A 201 4.35 -20.94 -12.35
C GLY A 201 2.95 -20.51 -11.96
N ARG A 202 2.55 -20.66 -10.68
CA ARG A 202 1.30 -20.11 -10.08
C ARG A 202 1.62 -18.93 -9.13
N THR A 203 2.66 -19.06 -8.30
CA THR A 203 2.86 -18.20 -7.11
C THR A 203 3.72 -16.97 -7.43
N MET A 204 3.51 -15.86 -6.76
CA MET A 204 4.32 -14.65 -7.05
C MET A 204 4.82 -13.98 -5.78
N LEU A 205 6.13 -13.94 -5.63
CA LEU A 205 6.80 -13.52 -4.37
C LEU A 205 7.42 -12.14 -4.52
N PRO A 206 7.00 -11.18 -3.67
CA PRO A 206 7.59 -9.84 -3.61
C PRO A 206 8.91 -9.85 -2.84
N ILE A 207 9.88 -10.56 -3.42
CA ILE A 207 11.17 -10.96 -2.80
C ILE A 207 11.91 -9.72 -2.31
N ARG A 208 11.78 -8.58 -3.03
CA ARG A 208 12.58 -7.36 -2.69
C ARG A 208 12.02 -6.76 -1.40
N TRP A 209 10.83 -7.14 -0.97
CA TRP A 209 10.13 -6.54 0.20
C TRP A 209 10.10 -7.49 1.39
N MET A 210 10.51 -8.76 1.18
CA MET A 210 10.42 -9.90 2.14
C MET A 210 11.70 -9.99 3.01
N PRO A 211 11.64 -10.29 4.34
CA PRO A 211 12.87 -10.53 5.13
C PRO A 211 13.41 -11.93 4.91
N PRO A 212 14.63 -12.25 5.41
CA PRO A 212 15.25 -13.55 5.19
C PRO A 212 14.40 -14.72 5.68
N GLU A 213 13.71 -14.59 6.80
CA GLU A 213 12.88 -15.71 7.30
C GLU A 213 11.73 -16.01 6.33
N SER A 214 11.29 -15.00 5.57
CA SER A 214 10.17 -15.17 4.63
C SER A 214 10.70 -15.92 3.41
N ILE A 215 11.88 -15.54 2.90
CA ILE A 215 12.50 -16.13 1.66
C ILE A 215 13.02 -17.54 2.00
N LEU A 216 13.77 -17.67 3.11
CA LEU A 216 14.38 -18.94 3.57
C LEU A 216 13.33 -19.92 4.10
N TYR A 217 12.49 -19.53 5.07
CA TYR A 217 11.69 -20.50 5.88
C TYR A 217 10.23 -20.40 5.51
N ARG A 218 9.83 -19.39 4.73
CA ARG A 218 8.43 -19.19 4.25
C ARG A 218 7.50 -18.87 5.42
N LYS A 219 8.01 -18.20 6.46
CA LYS A 219 7.21 -17.69 7.61
C LYS A 219 6.88 -16.21 7.36
N PHE A 220 5.63 -15.87 7.64
CA PHE A 220 5.00 -14.57 7.40
C PHE A 220 4.32 -14.18 8.70
N THR A 221 4.68 -13.01 9.21
CA THR A 221 4.40 -12.56 10.58
C THR A 221 4.25 -11.05 10.53
N THR A 222 3.54 -10.52 11.51
CA THR A 222 3.66 -9.10 11.91
C THR A 222 5.08 -8.64 11.62
N GLU A 223 6.09 -9.42 12.02
CA GLU A 223 7.47 -8.93 12.04
C GLU A 223 8.03 -8.98 10.62
N SER A 224 7.51 -9.87 9.76
CA SER A 224 7.85 -9.84 8.31
C SER A 224 7.19 -8.60 7.69
N ASP A 225 6.04 -8.12 8.20
CA ASP A 225 5.36 -6.86 7.77
C ASP A 225 6.13 -5.61 8.21
N VAL A 226 6.71 -5.54 9.41
CA VAL A 226 7.54 -4.36 9.76
C VAL A 226 8.80 -4.36 8.87
N TRP A 227 9.31 -5.53 8.48
CA TRP A 227 10.46 -5.53 7.55
C TRP A 227 9.98 -4.80 6.28
N SER A 228 8.84 -5.25 5.73
CA SER A 228 8.21 -4.70 4.50
C SER A 228 7.94 -3.22 4.66
N PHE A 229 7.47 -2.81 5.83
CA PHE A 229 7.26 -1.37 6.08
C PHE A 229 8.60 -0.66 5.99
N GLY A 230 9.65 -1.25 6.54
CA GLY A 230 11.03 -0.74 6.42
C GLY A 230 11.36 -0.39 4.97
N VAL A 231 11.09 -1.32 4.06
CA VAL A 231 11.36 -1.17 2.61
C VAL A 231 10.39 -0.11 2.04
N VAL A 232 9.16 -0.06 2.54
CA VAL A 232 8.24 1.01 2.10
C VAL A 232 8.86 2.38 2.43
N LEU A 233 9.36 2.52 3.64
CA LEU A 233 10.07 3.75 4.06
C LEU A 233 11.17 4.12 3.03
N TRP A 234 11.95 3.16 2.59
CA TRP A 234 13.01 3.35 1.58
C TRP A 234 12.39 3.80 0.24
N GLU A 235 11.29 3.19 -0.18
CA GLU A 235 10.60 3.55 -1.46
C GLU A 235 10.17 5.03 -1.41
N ILE A 236 9.62 5.44 -0.28
CA ILE A 236 9.13 6.82 -0.05
C ILE A 236 10.32 7.73 -0.23
N PHE A 237 11.42 7.47 0.46
CA PHE A 237 12.58 8.38 0.46
C PHE A 237 13.39 8.26 -0.81
N THR A 238 13.17 7.25 -1.64
CA THR A 238 13.81 7.19 -2.99
C THR A 238 12.82 7.63 -4.07
N TYR A 239 11.63 8.13 -3.71
CA TYR A 239 10.54 8.53 -4.64
C TYR A 239 10.18 7.37 -5.57
N GLY A 240 10.12 6.16 -4.99
CA GLY A 240 9.43 5.00 -5.56
C GLY A 240 10.34 4.13 -6.36
N LYS A 241 11.67 4.24 -6.22
CA LYS A 241 12.60 3.33 -6.93
C LYS A 241 12.32 1.90 -6.46
N GLN A 242 12.57 0.92 -7.31
CA GLN A 242 12.56 -0.49 -6.90
C GLN A 242 13.73 -0.76 -5.95
N PRO A 243 13.51 -1.36 -4.75
CA PRO A 243 14.61 -1.79 -3.91
C PRO A 243 15.43 -2.81 -4.73
N TRP A 244 16.74 -2.73 -4.59
CA TRP A 244 17.76 -3.54 -5.31
C TRP A 244 17.53 -3.47 -6.80
N TYR A 245 17.10 -2.32 -7.34
CA TYR A 245 16.82 -2.21 -8.78
C TYR A 245 18.05 -2.69 -9.53
N GLN A 246 19.27 -2.55 -9.02
CA GLN A 246 20.47 -2.94 -9.79
C GLN A 246 20.63 -4.47 -9.86
N LEU A 247 19.81 -5.23 -9.12
CA LEU A 247 19.91 -6.73 -9.00
C LEU A 247 18.77 -7.47 -9.72
N SER A 248 19.12 -8.59 -10.34
CA SER A 248 18.19 -9.68 -10.74
C SER A 248 17.43 -10.23 -9.52
N ASN A 249 16.39 -10.99 -9.76
CA ASN A 249 15.60 -11.60 -8.66
C ASN A 249 16.50 -12.53 -7.84
N THR A 250 17.34 -13.36 -8.50
CA THR A 250 18.28 -14.30 -7.81
C THR A 250 19.37 -13.49 -7.08
N GLU A 251 19.91 -12.43 -7.69
CA GLU A 251 20.90 -11.56 -6.99
C GLU A 251 20.22 -10.93 -5.75
N ALA A 252 19.00 -10.46 -5.83
CA ALA A 252 18.31 -9.86 -4.64
C ALA A 252 18.12 -10.90 -3.52
N ILE A 253 17.68 -12.10 -3.89
CA ILE A 253 17.56 -13.20 -2.89
C ILE A 253 18.92 -13.39 -2.21
N ASP A 254 20.02 -13.53 -2.97
CA ASP A 254 21.34 -13.85 -2.38
C ASP A 254 21.65 -12.72 -1.42
N CYS A 255 21.43 -11.51 -1.86
CA CYS A 255 21.91 -10.33 -1.12
C CYS A 255 21.05 -10.14 0.14
N ILE A 256 19.76 -10.52 0.10
CA ILE A 256 18.85 -10.35 1.27
C ILE A 256 19.11 -11.45 2.27
N THR A 257 19.32 -12.68 1.80
CA THR A 257 19.69 -13.81 2.71
C THR A 257 21.09 -13.58 3.28
N GLN A 258 22.06 -13.05 2.53
CA GLN A 258 23.43 -12.75 3.06
C GLN A 258 23.45 -11.53 3.99
N GLY A 259 22.30 -11.00 4.40
CA GLY A 259 22.17 -9.91 5.38
C GLY A 259 22.55 -8.54 4.84
N ARG A 260 22.73 -8.39 3.52
CA ARG A 260 23.14 -7.10 2.94
C ARG A 260 21.94 -6.12 3.02
N GLU A 261 22.14 -4.88 3.49
CA GLU A 261 21.11 -3.85 3.85
C GLU A 261 21.03 -2.76 2.78
N LEU A 262 19.84 -2.19 2.55
CA LEU A 262 19.63 -1.15 1.50
C LEU A 262 20.34 0.13 1.93
N GLU A 263 20.90 0.87 0.99
CA GLU A 263 21.68 2.10 1.25
C GLU A 263 20.71 3.22 1.66
N ARG A 264 21.16 4.16 2.49
CA ARG A 264 20.39 5.39 2.84
C ARG A 264 20.18 6.22 1.58
N PRO A 265 18.93 6.51 1.18
CA PRO A 265 18.69 7.38 0.04
C PRO A 265 19.19 8.79 0.37
N ARG A 266 19.75 9.49 -0.61
CA ARG A 266 20.02 10.96 -0.52
C ARG A 266 18.98 11.67 0.35
N ALA A 267 17.68 11.61 0.05
CA ALA A 267 16.67 12.47 0.71
C ALA A 267 16.38 12.01 2.14
N CYS A 268 17.09 10.99 2.65
CA CYS A 268 16.77 10.33 3.95
C CYS A 268 17.69 10.82 5.06
N PRO A 269 17.25 11.68 6.00
CA PRO A 269 18.05 12.02 7.17
C PRO A 269 18.51 10.77 7.91
N PRO A 270 19.69 10.79 8.58
CA PRO A 270 20.15 9.66 9.38
C PRO A 270 19.14 9.16 10.43
N GLU A 271 18.20 9.99 10.84
CA GLU A 271 17.28 9.74 11.98
C GLU A 271 16.14 8.86 11.50
N VAL A 272 15.79 9.00 10.22
CA VAL A 272 14.77 8.20 9.48
C VAL A 272 15.42 6.88 9.05
N TYR A 273 16.67 6.94 8.58
CA TYR A 273 17.46 5.74 8.21
C TYR A 273 17.51 4.79 9.40
N ALA A 274 17.48 5.31 10.63
CA ALA A 274 17.59 4.50 11.88
C ALA A 274 16.29 3.73 12.13
N ILE A 275 15.15 4.34 11.82
CA ILE A 275 13.81 3.69 11.87
C ILE A 275 13.82 2.51 10.88
N MET A 276 14.40 2.72 9.70
CA MET A 276 14.44 1.69 8.65
C MET A 276 15.23 0.52 9.26
N ARG A 277 16.39 0.82 9.82
CA ARG A 277 17.28 -0.19 10.46
C ARG A 277 16.48 -0.85 11.59
N GLY A 278 15.72 -0.12 12.37
CA GLY A 278 14.81 -0.76 13.36
C GLY A 278 14.02 -1.91 12.78
N CYS A 279 13.58 -1.82 11.51
CA CYS A 279 12.68 -2.78 10.81
C CYS A 279 13.50 -3.92 10.15
N TRP A 280 14.80 -3.75 10.00
CA TRP A 280 15.70 -4.69 9.28
C TRP A 280 16.62 -5.52 10.21
N GLN A 281 16.46 -5.47 11.55
CA GLN A 281 17.18 -6.39 12.47
C GLN A 281 16.99 -7.79 11.91
N ARG A 282 18.09 -8.50 11.70
CA ARG A 282 18.09 -9.89 11.21
C ARG A 282 17.10 -10.73 12.02
N GLU A 283 17.06 -10.59 13.34
CA GLU A 283 16.24 -11.49 14.21
C GLU A 283 14.84 -10.88 14.30
N PRO A 284 13.78 -11.56 13.78
CA PRO A 284 12.42 -11.05 13.85
C PRO A 284 12.05 -10.31 15.15
N GLN A 285 12.61 -10.75 16.28
CA GLN A 285 12.19 -10.29 17.62
C GLN A 285 12.97 -9.04 18.02
N GLN A 286 14.11 -8.81 17.38
CA GLN A 286 14.92 -7.59 17.58
C GLN A 286 14.23 -6.37 16.90
N ARG A 287 13.33 -6.61 15.93
CA ARG A 287 12.76 -5.51 15.11
C ARG A 287 11.85 -4.66 15.98
N HIS A 288 11.90 -3.35 15.83
CA HIS A 288 10.99 -2.43 16.57
C HIS A 288 9.54 -2.78 16.15
N SER A 289 8.62 -2.69 17.09
CA SER A 289 7.18 -2.90 16.84
C SER A 289 6.70 -1.80 15.89
N ILE A 290 5.57 -1.98 15.21
CA ILE A 290 5.09 -0.97 14.21
C ILE A 290 4.53 0.22 14.99
N LYS A 291 3.91 -0.05 16.14
CA LYS A 291 3.44 1.01 17.08
C LYS A 291 4.61 1.98 17.35
N ASP A 292 5.80 1.45 17.65
CA ASP A 292 6.99 2.26 17.99
C ASP A 292 7.33 3.11 16.79
N VAL A 293 7.48 2.47 15.65
CA VAL A 293 7.81 3.11 14.34
C VAL A 293 6.78 4.22 14.01
N HIS A 294 5.48 3.93 14.07
CA HIS A 294 4.42 4.92 13.78
C HIS A 294 4.64 6.15 14.67
N ALA A 295 4.87 5.88 15.96
CA ALA A 295 5.15 6.91 16.98
C ALA A 295 6.37 7.72 16.58
N ARG A 296 7.48 7.06 16.24
CA ARG A 296 8.69 7.79 15.82
C ARG A 296 8.29 8.68 14.63
N LEU A 297 7.60 8.12 13.61
CA LEU A 297 7.33 8.83 12.32
C LEU A 297 6.29 9.93 12.50
N GLN A 298 5.17 9.65 13.15
CA GLN A 298 4.18 10.71 13.46
C GLN A 298 4.92 11.91 14.06
N ALA A 299 5.75 11.67 15.08
CA ALA A 299 6.36 12.73 15.92
C ALA A 299 7.16 13.66 15.03
N LEU A 300 7.91 13.08 14.08
CA LEU A 300 8.75 13.83 13.08
C LEU A 300 7.85 14.64 12.15
N ALA A 301 6.78 14.02 11.62
CA ALA A 301 5.90 14.65 10.60
C ALA A 301 5.20 15.88 11.20
N GLN A 302 4.92 15.85 12.50
CA GLN A 302 4.27 16.95 13.25
C GLN A 302 5.29 17.87 13.96
N ALA A 303 6.60 17.61 13.82
CA ALA A 303 7.66 18.48 14.38
C ALA A 303 7.70 19.77 13.58
N PRO A 304 8.06 20.90 14.23
CA PRO A 304 8.07 22.19 13.57
C PRO A 304 9.20 22.27 12.55
N PRO A 305 8.94 22.93 11.40
CA PRO A 305 9.95 23.19 10.39
C PRO A 305 11.37 23.48 10.90
N VAL A 306 11.51 24.30 11.94
CA VAL A 306 12.83 24.69 12.49
C VAL A 306 13.58 23.44 12.91
N TYR A 307 12.89 22.43 13.44
CA TYR A 307 13.49 21.15 13.84
C TYR A 307 13.81 20.33 12.58
N LEU A 308 12.87 20.25 11.65
CA LEU A 308 13.03 19.43 10.42
C LEU A 308 14.11 20.00 9.49
N ASP A 309 14.20 21.32 9.33
CA ASP A 309 15.16 21.99 8.38
C ASP A 309 16.58 21.70 8.82
N VAL A 310 16.75 21.13 10.00
CA VAL A 310 18.09 20.85 10.55
C VAL A 310 18.23 19.35 10.81
N LEU A 311 17.42 18.53 10.16
CA LEU A 311 17.50 17.05 10.31
C LEU A 311 18.30 16.42 9.19
#